data_2VLO
#
_entry.id   2VLO
#
_cell.length_a   36.382
_cell.length_b   78.618
_cell.length_c   40.217
_cell.angle_alpha   90.00
_cell.angle_beta   99.36
_cell.angle_gamma   90.00
#
_symmetry.space_group_name_H-M   'P 1 21 1'
#
loop_
_entity.id
_entity.type
_entity.pdbx_description
1 polymer 'COLICIN-E9 IMMUNITY PROTEIN'
2 polymer 'COLICIN E9'
3 non-polymer 'SULFATE ION'
4 water water
#
loop_
_entity_poly.entity_id
_entity_poly.type
_entity_poly.pdbx_seq_one_letter_code
_entity_poly.pdbx_strand_id
1 'polypeptide(L)'
;MELKHSISDYTEAEFLQLVTTICNADTSSEEELVKLVTHFEEMTEHPSGSDLIYYPKEGDDDSPSGIVNTVKQWRAANGK
SGFKQGLEHHHHH
;
A
2 'polypeptide(L)'
;MESKRNKPGKATGKGKPVGDKWLDDAGKDSGAPIPDRIADKLRDKEFKSFDDFRKAVWEEVSKDPELSKNLNPSNKSSVS
KGYSPFTPKNQQVGGRAVYELHHDKPISQGGEVYDMDNIRVTTPKRHIDIHRGK
;
B
#
loop_
_chem_comp.id
_chem_comp.type
_chem_comp.name
_chem_comp.formula
SO4 non-polymer 'SULFATE ION' 'O4 S -2'
#
# COMPACT_ATOMS: atom_id res chain seq x y z
N LYS A 4 -8.00 8.14 -20.07
CA LYS A 4 -9.26 7.57 -19.58
C LYS A 4 -9.50 6.14 -20.02
N HIS A 5 -9.62 5.83 -21.31
CA HIS A 5 -9.96 4.44 -21.68
C HIS A 5 -8.77 3.48 -21.89
N SER A 6 -7.65 3.99 -22.37
CA SER A 6 -6.47 3.20 -22.59
C SER A 6 -5.29 4.15 -22.57
N ILE A 7 -4.09 3.63 -22.64
CA ILE A 7 -2.93 4.49 -22.42
C ILE A 7 -2.72 5.43 -23.59
N SER A 8 -3.24 5.09 -24.76
CA SER A 8 -3.07 5.96 -25.91
C SER A 8 -3.99 7.20 -25.82
N ASP A 9 -4.85 7.25 -24.80
CA ASP A 9 -5.61 8.42 -24.46
C ASP A 9 -4.81 9.40 -23.58
N TYR A 10 -3.62 8.97 -23.12
CA TYR A 10 -2.73 9.85 -22.35
C TYR A 10 -1.60 10.32 -23.21
N THR A 11 -1.25 11.60 -23.11
CA THR A 11 0.05 12.07 -23.54
C THR A 11 1.05 11.66 -22.44
N GLU A 12 2.34 11.65 -22.79
CA GLU A 12 3.38 11.26 -21.86
C GLU A 12 3.35 12.20 -20.64
N ALA A 13 3.13 13.50 -20.87
CA ALA A 13 3.07 14.43 -19.73
C ALA A 13 1.90 14.13 -18.79
N GLU A 14 0.69 13.88 -19.34
CA GLU A 14 -0.48 13.51 -18.51
C GLU A 14 -0.15 12.22 -17.74
N PHE A 15 0.56 11.30 -18.37
CA PHE A 15 0.83 10.01 -17.70
C PHE A 15 1.85 10.24 -16.55
N LEU A 16 2.84 11.08 -16.79
CA LEU A 16 3.77 11.55 -15.74
C LEU A 16 3.01 12.24 -14.60
N GLN A 17 1.99 13.05 -14.88
CA GLN A 17 1.24 13.64 -13.76
C GLN A 17 0.52 12.54 -12.95
N LEU A 18 -0.11 11.61 -13.66
CA LEU A 18 -0.75 10.42 -13.01
C LEU A 18 0.22 9.61 -12.11
N VAL A 19 1.37 9.23 -12.65
CA VAL A 19 2.39 8.44 -11.92
C VAL A 19 2.92 9.23 -10.70
N THR A 20 3.17 10.51 -10.92
CA THR A 20 3.64 11.36 -9.80
C THR A 20 2.56 11.44 -8.73
N THR A 21 1.31 11.52 -9.13
CA THR A 21 0.20 11.56 -8.15
C THR A 21 0.31 10.29 -7.28
N ILE A 22 0.42 9.17 -7.94
CA ILE A 22 0.50 7.89 -7.21
C ILE A 22 1.71 7.81 -6.29
N CYS A 23 2.88 8.17 -6.83
CA CYS A 23 4.14 8.04 -6.08
C CYS A 23 4.11 8.90 -4.84
N ASN A 24 3.49 10.08 -4.93
CA ASN A 24 3.44 11.00 -3.77
C ASN A 24 2.21 10.75 -2.85
N ALA A 25 1.40 9.78 -3.24
CA ALA A 25 0.14 9.47 -2.53
C ALA A 25 -0.68 10.76 -2.42
N ASP A 26 -0.84 11.45 -3.55
CA ASP A 26 -1.60 12.74 -3.63
C ASP A 26 -3.12 12.52 -3.77
N THR A 27 -3.69 11.85 -2.78
CA THR A 27 -5.10 11.50 -2.78
C THR A 27 -5.70 11.90 -1.41
N SER A 28 -7.03 11.98 -1.39
CA SER A 28 -7.69 12.25 -0.11
C SER A 28 -8.06 10.99 0.68
N SER A 29 -7.84 9.81 0.12
CA SER A 29 -8.12 8.58 0.88
C SER A 29 -7.29 7.49 0.33
N GLU A 30 -7.10 6.44 1.12
CA GLU A 30 -6.48 5.24 0.62
C GLU A 30 -7.28 4.62 -0.52
N GLU A 31 -8.62 4.55 -0.40
CA GLU A 31 -9.51 4.05 -1.48
C GLU A 31 -9.15 4.68 -2.85
N GLU A 32 -8.99 6.00 -2.87
CA GLU A 32 -8.71 6.75 -4.10
C GLU A 32 -7.33 6.34 -4.66
N LEU A 33 -6.34 6.21 -3.76
CA LEU A 33 -4.99 5.80 -4.20
C LEU A 33 -5.00 4.38 -4.78
N VAL A 34 -5.73 3.47 -4.10
CA VAL A 34 -5.85 2.12 -4.62
C VAL A 34 -6.54 2.17 -5.96
N LYS A 35 -7.61 2.94 -6.11
CA LYS A 35 -8.23 3.04 -7.46
C LYS A 35 -7.27 3.56 -8.56
N LEU A 36 -6.40 4.50 -8.23
CA LEU A 36 -5.53 5.09 -9.25
C LEU A 36 -4.47 4.07 -9.61
N VAL A 37 -4.05 3.31 -8.62
CA VAL A 37 -3.02 2.25 -8.86
C VAL A 37 -3.62 1.23 -9.83
N THR A 38 -4.86 0.80 -9.56
CA THR A 38 -5.56 -0.15 -10.44
C THR A 38 -5.70 0.38 -11.86
N HIS A 39 -6.04 1.66 -11.96
CA HIS A 39 -6.18 2.31 -13.26
C HIS A 39 -4.81 2.30 -13.93
N PHE A 40 -3.77 2.68 -13.20
CA PHE A 40 -2.39 2.60 -13.78
C PHE A 40 -2.11 1.20 -14.35
N GLU A 41 -2.38 0.13 -13.60
CA GLU A 41 -2.15 -1.23 -14.07
C GLU A 41 -2.90 -1.51 -15.38
N GLU A 42 -4.15 -1.07 -15.46
CA GLU A 42 -5.02 -1.24 -16.62
C GLU A 42 -4.51 -0.48 -17.83
N MET A 43 -3.97 0.71 -17.60
CA MET A 43 -3.35 1.49 -18.68
C MET A 43 -2.08 0.84 -19.20
N THR A 44 -1.15 0.49 -18.31
CA THR A 44 0.12 -0.05 -18.78
C THR A 44 0.04 -1.43 -19.42
N GLU A 45 -0.92 -2.23 -18.94
CA GLU A 45 -1.05 -3.62 -19.33
C GLU A 45 0.16 -4.45 -19.00
N HIS A 46 1.03 -3.92 -18.15
CA HIS A 46 2.27 -4.62 -17.73
C HIS A 46 1.94 -5.78 -16.77
N PRO A 47 2.57 -6.96 -16.95
CA PRO A 47 2.30 -8.10 -16.06
C PRO A 47 2.72 -7.86 -14.62
N SER A 48 3.64 -6.92 -14.37
CA SER A 48 4.04 -6.60 -12.95
C SER A 48 3.07 -5.75 -12.18
N GLY A 49 2.08 -5.19 -12.88
CA GLY A 49 1.09 -4.31 -12.25
C GLY A 49 1.71 -3.28 -11.33
N SER A 50 1.15 -3.14 -10.13
CA SER A 50 1.61 -2.14 -9.16
C SER A 50 3.06 -2.31 -8.75
N ASP A 51 3.67 -3.48 -8.99
CA ASP A 51 5.10 -3.62 -8.65
C ASP A 51 6.03 -2.62 -9.37
N LEU A 52 5.60 -2.15 -10.55
CA LEU A 52 6.35 -1.08 -11.24
C LEU A 52 6.58 0.12 -10.32
N ILE A 53 5.58 0.41 -9.49
CA ILE A 53 5.66 1.56 -8.61
C ILE A 53 6.29 1.20 -7.27
N TYR A 54 5.89 0.08 -6.67
CA TYR A 54 6.20 -0.16 -5.25
C TYR A 54 7.31 -1.19 -5.05
N TYR A 55 7.57 -1.99 -6.07
CA TYR A 55 8.57 -3.06 -5.88
C TYR A 55 9.36 -3.17 -7.17
N PRO A 56 10.11 -2.11 -7.50
CA PRO A 56 10.82 -2.05 -8.78
C PRO A 56 11.87 -3.12 -8.78
N LYS A 57 12.22 -3.60 -9.98
CA LYS A 57 13.20 -4.67 -10.24
C LYS A 57 14.55 -4.03 -9.98
N GLU A 58 15.41 -4.72 -9.24
CA GLU A 58 16.73 -4.19 -8.88
C GLU A 58 17.35 -3.51 -10.11
N GLY A 59 17.87 -2.29 -9.92
CA GLY A 59 18.38 -1.46 -11.03
C GLY A 59 17.34 -0.79 -11.93
N ASP A 60 16.10 -0.66 -11.45
CA ASP A 60 15.11 0.09 -12.19
C ASP A 60 14.91 1.44 -11.50
N ASP A 61 14.58 2.44 -12.31
CA ASP A 61 14.50 3.78 -11.77
C ASP A 61 13.05 3.98 -11.28
N ASP A 62 12.85 4.03 -9.96
CA ASP A 62 11.49 4.19 -9.42
C ASP A 62 11.04 5.63 -9.10
N SER A 63 11.72 6.60 -9.70
CA SER A 63 11.19 7.98 -9.76
C SER A 63 9.98 7.95 -10.71
N PRO A 64 9.06 8.92 -10.59
CA PRO A 64 7.96 9.06 -11.52
C PRO A 64 8.43 8.95 -12.98
N SER A 65 9.52 9.63 -13.32
CA SER A 65 9.95 9.67 -14.72
C SER A 65 10.54 8.34 -15.08
N GLY A 66 11.21 7.74 -14.09
CA GLY A 66 11.72 6.35 -14.25
C GLY A 66 10.63 5.36 -14.64
N ILE A 67 9.47 5.47 -14.00
CA ILE A 67 8.39 4.52 -14.15
C ILE A 67 7.69 4.76 -15.49
N VAL A 68 7.50 6.03 -15.86
CA VAL A 68 6.94 6.36 -17.17
C VAL A 68 7.82 5.73 -18.26
N ASN A 69 9.11 5.91 -18.12
CA ASN A 69 10.06 5.37 -19.09
C ASN A 69 10.02 3.84 -19.22
N THR A 70 9.91 3.16 -18.09
CA THR A 70 9.84 1.71 -18.06
C THR A 70 8.59 1.23 -18.78
N VAL A 71 7.47 1.94 -18.57
CA VAL A 71 6.24 1.61 -19.23
C VAL A 71 6.34 1.85 -20.74
N LYS A 72 6.82 3.03 -21.11
CA LYS A 72 6.94 3.45 -22.49
C LYS A 72 7.75 2.40 -23.27
N GLN A 73 8.86 1.99 -22.66
CA GLN A 73 9.80 1.13 -23.34
C GLN A 73 9.26 -0.29 -23.39
N TRP A 74 8.61 -0.72 -22.31
CA TRP A 74 8.08 -2.06 -22.34
C TRP A 74 6.95 -2.15 -23.36
N ARG A 75 6.13 -1.10 -23.45
CA ARG A 75 5.11 -1.13 -24.47
C ARG A 75 5.72 -1.15 -25.89
N ALA A 76 6.77 -0.35 -26.10
CA ALA A 76 7.43 -0.28 -27.44
C ALA A 76 7.93 -1.66 -27.84
N ALA A 77 8.61 -2.31 -26.90
CA ALA A 77 9.19 -3.62 -27.13
C ALA A 77 8.20 -4.74 -27.32
N ASN A 78 7.01 -4.61 -26.71
CA ASN A 78 6.02 -5.70 -26.86
C ASN A 78 5.00 -5.40 -27.93
N GLY A 79 5.31 -4.41 -28.77
CA GLY A 79 4.45 -4.05 -29.90
C GLY A 79 3.10 -3.49 -29.53
N LYS A 80 3.02 -2.83 -28.38
CA LYS A 80 1.76 -2.18 -28.00
C LYS A 80 1.78 -0.68 -28.27
N SER A 81 0.59 -0.06 -28.22
CA SER A 81 0.44 1.31 -28.56
C SER A 81 1.08 2.22 -27.52
N GLY A 82 1.47 3.43 -27.93
CA GLY A 82 2.07 4.35 -26.97
C GLY A 82 1.25 5.57 -26.69
N PHE A 83 1.94 6.57 -26.12
CA PHE A 83 1.31 7.82 -25.73
C PHE A 83 0.82 8.66 -26.89
N LYS A 84 -0.30 9.34 -26.66
CA LYS A 84 -0.81 10.37 -27.55
C LYS A 84 0.26 11.45 -27.61
N GLN A 85 0.50 11.99 -28.79
CA GLN A 85 1.44 13.11 -28.89
C GLN A 85 0.87 14.37 -28.19
N GLY A 86 1.70 15.03 -27.40
CA GLY A 86 1.30 16.29 -26.77
C GLY A 86 1.30 17.45 -27.77
N LEU A 87 0.58 18.50 -27.43
CA LEU A 87 0.53 19.72 -28.25
C LEU A 87 1.13 20.83 -27.37
N GLU A 88 2.41 21.11 -27.58
CA GLU A 88 3.16 22.07 -26.80
C GLU A 88 2.56 23.43 -27.01
N HIS A 89 2.35 24.15 -25.91
CA HIS A 89 1.90 25.52 -26.02
C HIS A 89 3.09 26.40 -26.38
N HIS A 90 2.94 27.24 -27.39
CA HIS A 90 4.07 28.15 -27.71
C HIS A 90 3.61 29.57 -27.34
N HIS A 91 4.44 30.31 -26.62
CA HIS A 91 4.09 31.68 -26.17
C HIS A 91 4.28 32.74 -27.30
N HIS A 92 5.03 32.37 -28.33
CA HIS A 92 5.43 33.31 -29.38
C HIS A 92 5.41 32.64 -30.76
N HIS A 93 5.34 33.46 -31.80
CA HIS A 93 5.55 33.01 -33.17
C HIS A 93 7.06 32.97 -33.33
N SER B 3 -22.11 -3.15 16.21
CA SER B 3 -20.67 -3.17 15.76
C SER B 3 -19.65 -2.52 16.71
N LYS B 4 -18.92 -3.39 17.40
CA LYS B 4 -17.98 -2.99 18.41
C LYS B 4 -16.69 -2.35 17.83
N ARG B 5 -16.26 -2.83 16.67
CA ARG B 5 -15.09 -2.28 15.99
C ARG B 5 -15.31 -0.87 15.48
N ASN B 6 -16.58 -0.45 15.42
CA ASN B 6 -16.95 0.91 15.05
C ASN B 6 -17.16 1.88 16.21
N LYS B 7 -16.88 1.38 17.40
CA LYS B 7 -16.99 2.21 18.60
C LYS B 7 -15.58 2.53 19.13
N PRO B 8 -15.49 3.62 19.89
CA PRO B 8 -14.24 3.98 20.55
C PRO B 8 -13.73 2.95 21.54
N GLY B 9 -12.42 2.95 21.74
CA GLY B 9 -11.81 2.04 22.71
C GLY B 9 -10.41 2.50 22.95
N LYS B 10 -9.69 1.77 23.81
CA LYS B 10 -8.29 2.12 24.17
C LYS B 10 -7.34 1.01 23.74
N ALA B 11 -6.26 1.36 23.05
CA ALA B 11 -5.25 0.38 22.69
C ALA B 11 -4.45 -0.09 23.90
N THR B 12 -4.24 -1.41 23.99
CA THR B 12 -3.48 -2.06 25.04
C THR B 12 -2.58 -3.10 24.39
N GLY B 13 -1.60 -3.61 25.13
CA GLY B 13 -0.79 -4.69 24.60
C GLY B 13 0.66 -4.28 24.39
N LYS B 14 1.48 -5.30 24.25
CA LYS B 14 2.92 -5.16 24.20
C LYS B 14 3.45 -5.12 22.79
N GLY B 15 2.82 -5.89 21.89
CA GLY B 15 3.34 -6.06 20.54
C GLY B 15 4.57 -6.97 20.67
N LYS B 16 5.42 -7.02 19.66
CA LYS B 16 6.61 -7.90 19.64
C LYS B 16 7.79 -7.27 18.89
N PRO B 17 9.04 -7.54 19.35
CA PRO B 17 10.20 -7.06 18.62
C PRO B 17 10.19 -7.71 17.25
N VAL B 18 10.34 -6.86 16.23
CA VAL B 18 10.43 -7.33 14.87
C VAL B 18 11.62 -6.61 14.30
N GLY B 19 12.14 -7.16 13.24
CA GLY B 19 13.23 -6.51 12.59
C GLY B 19 12.95 -6.03 11.20
N ASP B 20 14.02 -6.16 10.43
CA ASP B 20 14.20 -5.55 9.14
C ASP B 20 13.10 -5.64 8.13
N LYS B 21 12.81 -6.90 7.80
CA LYS B 21 11.85 -7.34 6.82
C LYS B 21 10.56 -7.83 7.51
N TRP B 22 10.22 -7.18 8.62
CA TRP B 22 8.98 -7.48 9.33
C TRP B 22 7.75 -7.69 8.42
N LEU B 23 7.56 -6.83 7.42
CA LEU B 23 6.46 -7.05 6.52
C LEU B 23 6.60 -8.29 5.65
N ASP B 24 7.82 -8.80 5.44
CA ASP B 24 7.92 -10.08 4.69
C ASP B 24 7.19 -11.22 5.44
N ASP B 25 7.21 -11.22 6.77
CA ASP B 25 6.45 -12.21 7.58
C ASP B 25 4.95 -12.11 7.48
N ALA B 26 4.47 -11.03 6.88
CA ALA B 26 3.03 -10.79 6.82
C ALA B 26 2.38 -11.77 5.83
N GLY B 27 3.18 -12.34 4.93
CA GLY B 27 2.70 -13.37 3.99
C GLY B 27 2.77 -14.82 4.49
N LYS B 28 3.23 -15.02 5.72
CA LYS B 28 3.42 -16.36 6.29
C LYS B 28 2.74 -16.50 7.64
N ASP B 29 2.55 -17.74 8.08
CA ASP B 29 2.11 -18.04 9.43
C ASP B 29 0.83 -17.35 9.82
N SER B 30 0.79 -16.68 10.95
CA SER B 30 -0.45 -15.98 11.35
C SER B 30 -0.34 -14.47 11.00
N GLY B 31 0.64 -14.14 10.15
CA GLY B 31 0.97 -12.77 9.76
C GLY B 31 2.02 -12.19 10.72
N ALA B 32 2.31 -10.92 10.60
CA ALA B 32 3.25 -10.26 11.54
C ALA B 32 2.50 -9.65 12.75
N PRO B 33 3.16 -9.52 13.90
CA PRO B 33 2.55 -8.92 15.05
C PRO B 33 2.62 -7.41 14.85
N ILE B 34 1.97 -6.67 15.73
CA ILE B 34 2.18 -5.23 15.83
C ILE B 34 3.58 -5.07 16.50
N PRO B 35 4.50 -4.33 15.87
CA PRO B 35 5.84 -4.10 16.43
C PRO B 35 5.74 -3.49 17.81
N ASP B 36 6.63 -3.91 18.71
CA ASP B 36 6.60 -3.42 20.06
C ASP B 36 6.69 -1.90 20.12
N ARG B 37 7.46 -1.29 19.25
CA ARG B 37 7.64 0.16 19.32
C ARG B 37 6.37 0.90 18.92
N ILE B 38 5.56 0.25 18.08
CA ILE B 38 4.31 0.89 17.62
C ILE B 38 3.31 0.75 18.74
N ALA B 39 3.24 -0.45 19.34
CA ALA B 39 2.38 -0.64 20.49
C ALA B 39 2.81 0.39 21.58
N ASP B 40 4.11 0.59 21.76
CA ASP B 40 4.55 1.57 22.78
C ASP B 40 3.98 2.97 22.53
N LYS B 41 3.87 3.34 21.25
CA LYS B 41 3.41 4.67 20.90
C LYS B 41 1.89 4.77 21.02
N LEU B 42 1.16 3.67 20.77
CA LEU B 42 -0.32 3.74 20.75
C LEU B 42 -0.94 3.28 22.08
N ARG B 43 -0.17 2.61 22.93
CA ARG B 43 -0.76 2.08 24.18
C ARG B 43 -1.39 3.17 25.06
N ASP B 44 -2.59 2.88 25.55
CA ASP B 44 -3.35 3.77 26.41
C ASP B 44 -3.98 4.94 25.68
N LYS B 45 -3.80 5.00 24.37
CA LYS B 45 -4.49 6.02 23.60
C LYS B 45 -5.86 5.54 23.19
N GLU B 46 -6.79 6.48 23.13
CA GLU B 46 -8.12 6.20 22.71
C GLU B 46 -8.28 6.48 21.21
N PHE B 47 -8.96 5.54 20.56
CA PHE B 47 -9.26 5.63 19.15
C PHE B 47 -10.75 5.61 18.92
N LYS B 48 -11.19 6.23 17.83
CA LYS B 48 -12.65 6.31 17.57
C LYS B 48 -13.29 5.07 16.95
N SER B 49 -12.48 4.22 16.35
CA SER B 49 -12.94 3.04 15.63
C SER B 49 -11.68 2.19 15.38
N PHE B 50 -11.85 0.97 14.88
CA PHE B 50 -10.65 0.21 14.53
C PHE B 50 -9.94 0.84 13.35
N ASP B 51 -10.69 1.45 12.45
CA ASP B 51 -10.09 2.07 11.25
C ASP B 51 -9.24 3.29 11.65
N ASP B 52 -9.68 4.00 12.69
CA ASP B 52 -8.88 5.11 13.22
C ASP B 52 -7.57 4.55 13.82
N PHE B 53 -7.65 3.40 14.48
CA PHE B 53 -6.45 2.76 15.04
C PHE B 53 -5.52 2.32 13.89
N ARG B 54 -6.13 1.69 12.90
CA ARG B 54 -5.40 1.21 11.74
C ARG B 54 -4.58 2.36 11.08
N LYS B 55 -5.21 3.52 10.83
CA LYS B 55 -4.47 4.68 10.31
C LYS B 55 -3.27 5.10 11.21
N ALA B 56 -3.48 5.11 12.53
CA ALA B 56 -2.39 5.49 13.44
C ALA B 56 -1.27 4.48 13.32
N VAL B 57 -1.59 3.19 13.20
CA VAL B 57 -0.52 2.20 13.04
C VAL B 57 0.38 2.55 11.85
N TRP B 58 -0.19 2.78 10.67
CA TRP B 58 0.66 3.07 9.52
C TRP B 58 1.42 4.38 9.64
N GLU B 59 0.84 5.33 10.32
CA GLU B 59 1.49 6.64 10.48
C GLU B 59 2.65 6.43 11.40
N GLU B 60 2.45 5.65 12.47
CA GLU B 60 3.56 5.39 13.44
C GLU B 60 4.66 4.58 12.76
N VAL B 61 4.25 3.65 11.89
CA VAL B 61 5.19 2.94 11.02
C VAL B 61 6.04 3.95 10.18
N SER B 62 5.37 4.95 9.59
CA SER B 62 6.08 5.94 8.81
C SER B 62 7.12 6.74 9.63
N LYS B 63 6.87 6.91 10.91
CA LYS B 63 7.76 7.63 11.82
C LYS B 63 8.90 6.82 12.44
N ASP B 64 8.95 5.53 12.15
CA ASP B 64 9.91 4.62 12.75
C ASP B 64 10.94 4.26 11.73
N PRO B 65 12.20 4.77 11.85
CA PRO B 65 13.16 4.59 10.77
C PRO B 65 13.51 3.13 10.45
N GLU B 66 13.54 2.26 11.44
CA GLU B 66 13.79 0.86 11.18
C GLU B 66 12.60 0.20 10.51
N LEU B 67 11.42 0.45 11.04
CA LEU B 67 10.26 -0.25 10.49
C LEU B 67 9.88 0.18 9.07
N SER B 68 10.19 1.43 8.71
CA SER B 68 9.80 1.96 7.39
C SER B 68 10.92 1.91 6.38
N LYS B 69 12.14 1.61 6.83
CA LYS B 69 13.26 1.61 5.87
C LYS B 69 13.19 0.65 4.70
N ASN B 70 12.50 -0.50 4.84
CA ASN B 70 12.28 -1.44 3.72
C ASN B 70 11.11 -1.09 2.79
N LEU B 71 10.46 0.02 3.06
CA LEU B 71 9.39 0.49 2.18
C LEU B 71 10.03 1.35 1.11
N ASN B 72 9.61 1.24 -0.15
CA ASN B 72 10.19 2.15 -1.17
C ASN B 72 9.61 3.56 -1.02
N PRO B 73 10.15 4.58 -1.69
CA PRO B 73 9.68 5.95 -1.52
C PRO B 73 8.18 6.11 -1.71
N SER B 74 7.61 5.40 -2.68
CA SER B 74 6.16 5.55 -2.96
C SER B 74 5.33 4.98 -1.82
N ASN B 75 5.74 3.82 -1.32
CA ASN B 75 5.09 3.23 -0.14
C ASN B 75 5.26 4.04 1.12
N LYS B 76 6.42 4.69 1.27
CA LYS B 76 6.61 5.60 2.39
C LYS B 76 5.65 6.78 2.33
N SER B 77 5.44 7.32 1.13
CA SER B 77 4.47 8.42 0.97
C SER B 77 3.09 7.96 1.43
N SER B 78 2.69 6.76 1.01
CA SER B 78 1.41 6.17 1.45
C SER B 78 1.24 6.05 2.99
N VAL B 79 2.15 5.35 3.65
CA VAL B 79 2.07 5.22 5.10
C VAL B 79 2.12 6.56 5.85
N SER B 80 2.82 7.56 5.31
CA SER B 80 2.87 8.86 5.97
C SER B 80 1.49 9.54 6.07
N LYS B 81 0.60 9.18 5.14
CA LYS B 81 -0.79 9.66 5.13
C LYS B 81 -1.72 8.75 5.96
N GLY B 82 -1.16 7.72 6.57
CA GLY B 82 -1.95 6.75 7.35
C GLY B 82 -2.62 5.69 6.48
N TYR B 83 -2.16 5.54 5.22
CA TYR B 83 -2.70 4.55 4.31
C TYR B 83 -1.86 3.27 4.47
N SER B 84 -2.45 2.10 4.23
CA SER B 84 -1.71 0.84 4.28
C SER B 84 -0.82 0.74 3.08
N PRO B 85 0.39 0.20 3.26
CA PRO B 85 1.36 0.11 2.18
C PRO B 85 0.90 -0.98 1.18
N PHE B 86 1.17 -0.80 -0.11
CA PHE B 86 0.90 -1.88 -1.11
C PHE B 86 1.80 -3.08 -0.91
N THR B 87 1.23 -4.28 -1.01
CA THR B 87 2.07 -5.49 -0.96
C THR B 87 2.60 -5.77 -2.38
N PRO B 88 3.54 -6.71 -2.52
CA PRO B 88 3.89 -7.21 -3.87
C PRO B 88 2.68 -7.71 -4.56
N LYS B 89 2.65 -7.51 -5.88
CA LYS B 89 1.49 -7.90 -6.67
C LYS B 89 1.06 -9.33 -6.43
N ASN B 90 2.01 -10.24 -6.26
CA ASN B 90 1.65 -11.66 -6.12
C ASN B 90 1.10 -12.04 -4.73
N GLN B 91 1.01 -11.04 -3.85
CA GLN B 91 0.36 -11.20 -2.56
C GLN B 91 -0.98 -10.48 -2.47
N GLN B 92 -1.36 -9.74 -3.51
CA GLN B 92 -2.68 -9.13 -3.57
C GLN B 92 -3.75 -10.10 -3.99
N VAL B 93 -5.03 -9.74 -3.71
CA VAL B 93 -6.17 -10.60 -4.06
C VAL B 93 -7.23 -9.65 -4.65
N GLY B 94 -7.42 -9.70 -5.97
CA GLY B 94 -8.40 -8.80 -6.61
C GLY B 94 -8.08 -7.37 -6.28
N GLY B 95 -9.09 -6.67 -5.77
CA GLY B 95 -8.95 -5.28 -5.32
C GLY B 95 -8.29 -5.08 -3.95
N ARG B 96 -7.81 -6.14 -3.29
CA ARG B 96 -7.19 -6.00 -1.98
C ARG B 96 -5.73 -5.98 -2.28
N ALA B 97 -5.12 -4.81 -2.18
CA ALA B 97 -3.77 -4.56 -2.73
C ALA B 97 -2.80 -4.16 -1.65
N VAL B 98 -3.32 -3.97 -0.42
CA VAL B 98 -2.53 -3.43 0.70
C VAL B 98 -2.48 -4.38 1.87
N TYR B 99 -1.49 -4.20 2.76
CA TYR B 99 -1.40 -5.00 3.96
C TYR B 99 -2.63 -4.81 4.79
N GLU B 100 -3.13 -5.89 5.40
CA GLU B 100 -4.36 -5.81 6.20
C GLU B 100 -4.10 -6.03 7.70
N LEU B 101 -4.94 -5.43 8.54
CA LEU B 101 -4.92 -5.67 9.97
C LEU B 101 -6.12 -6.53 10.30
N HIS B 102 -5.90 -7.66 10.94
CA HIS B 102 -6.99 -8.55 11.34
C HIS B 102 -6.79 -8.98 12.81
N HIS B 103 -7.81 -9.60 13.36
CA HIS B 103 -7.77 -10.05 14.72
C HIS B 103 -7.56 -11.53 14.77
N ASP B 104 -6.74 -11.92 15.74
CA ASP B 104 -6.33 -13.27 15.90
C ASP B 104 -7.48 -14.11 16.46
N LYS B 105 -7.88 -13.84 17.70
CA LYS B 105 -9.08 -14.43 18.25
C LYS B 105 -10.28 -13.50 17.83
N PRO B 106 -11.30 -14.05 17.18
CA PRO B 106 -12.35 -13.21 16.59
C PRO B 106 -13.08 -12.42 17.70
N ILE B 107 -13.64 -11.26 17.32
CA ILE B 107 -14.38 -10.46 18.30
C ILE B 107 -15.54 -11.23 18.90
N SER B 108 -16.18 -12.09 18.11
CA SER B 108 -17.38 -12.80 18.59
C SER B 108 -17.03 -13.84 19.68
N GLN B 109 -15.76 -14.22 19.78
CA GLN B 109 -15.33 -15.22 20.77
C GLN B 109 -14.63 -14.58 21.99
N GLY B 110 -14.69 -13.26 22.03
CA GLY B 110 -14.08 -12.49 23.09
C GLY B 110 -12.72 -11.83 22.76
N GLY B 111 -12.24 -11.93 21.52
CA GLY B 111 -11.05 -11.17 21.07
C GLY B 111 -11.34 -9.66 21.13
N GLU B 112 -10.43 -8.89 21.72
CA GLU B 112 -10.67 -7.47 21.93
C GLU B 112 -10.24 -6.65 20.67
N VAL B 113 -10.99 -5.60 20.42
CA VAL B 113 -10.83 -4.82 19.21
C VAL B 113 -9.49 -4.11 19.17
N TYR B 114 -9.05 -3.55 20.32
CA TYR B 114 -7.87 -2.70 20.37
C TYR B 114 -6.72 -3.33 21.17
N ASP B 115 -6.81 -4.63 21.41
CA ASP B 115 -5.74 -5.36 22.08
C ASP B 115 -4.69 -5.63 20.96
N MET B 116 -3.60 -4.89 21.03
CA MET B 116 -2.56 -5.02 20.06
C MET B 116 -1.90 -6.39 20.01
N ASP B 117 -2.02 -7.19 21.07
CA ASP B 117 -1.50 -8.57 20.97
C ASP B 117 -2.47 -9.52 20.26
N ASN B 118 -3.67 -9.01 19.95
CA ASN B 118 -4.69 -9.77 19.24
C ASN B 118 -4.84 -9.30 17.80
N ILE B 119 -3.90 -8.51 17.34
CA ILE B 119 -3.99 -7.98 15.98
C ILE B 119 -2.78 -8.46 15.23
N ARG B 120 -2.98 -8.91 14.00
CA ARG B 120 -1.88 -9.33 13.15
C ARG B 120 -1.91 -8.65 11.80
N VAL B 121 -0.75 -8.44 11.21
CA VAL B 121 -0.66 -7.83 9.87
C VAL B 121 -0.50 -8.96 8.82
N THR B 122 -1.38 -9.00 7.80
CA THR B 122 -1.32 -10.01 6.75
C THR B 122 -1.32 -9.42 5.38
N THR B 123 -0.79 -10.15 4.41
CA THR B 123 -1.05 -9.82 2.98
C THR B 123 -2.45 -10.34 2.68
N PRO B 124 -3.16 -9.76 1.68
CA PRO B 124 -4.48 -10.28 1.33
C PRO B 124 -4.42 -11.80 1.10
N LYS B 125 -3.34 -12.24 0.45
CA LYS B 125 -3.20 -13.66 0.03
C LYS B 125 -3.13 -14.55 1.26
N ARG B 126 -2.39 -14.13 2.29
CA ARG B 126 -2.28 -14.96 3.47
C ARG B 126 -3.59 -14.96 4.21
N HIS B 127 -4.22 -13.79 4.31
CA HIS B 127 -5.51 -13.75 4.98
C HIS B 127 -6.56 -14.63 4.34
N ILE B 128 -6.61 -14.65 3.01
CA ILE B 128 -7.63 -15.49 2.33
C ILE B 128 -7.34 -16.96 2.57
N ASP B 129 -6.07 -17.30 2.65
CA ASP B 129 -5.73 -18.71 2.96
C ASP B 129 -6.21 -19.12 4.35
N ILE B 130 -5.90 -18.29 5.35
CA ILE B 130 -6.36 -18.49 6.68
C ILE B 130 -7.87 -18.56 6.70
N HIS B 131 -8.53 -17.57 6.07
CA HIS B 131 -9.98 -17.52 6.02
C HIS B 131 -10.62 -18.77 5.41
N ARG B 132 -10.07 -19.27 4.31
CA ARG B 132 -10.60 -20.46 3.68
C ARG B 132 -10.40 -21.75 4.48
N GLY B 133 -9.48 -21.78 5.43
CA GLY B 133 -9.26 -23.00 6.18
C GLY B 133 -10.11 -23.09 7.45
N LYS B 134 -10.90 -22.05 7.72
CA LYS B 134 -11.72 -22.01 8.95
C LYS B 134 -12.92 -22.95 8.88
S SO4 C . -14.24 2.86 -19.04
O1 SO4 C . -14.40 1.39 -19.06
O2 SO4 C . -15.27 3.54 -19.83
O3 SO4 C . -14.33 3.39 -17.68
O4 SO4 C . -12.93 3.15 -19.61
S SO4 D . -21.74 0.60 -15.36
O1 SO4 D . -21.75 -0.87 -15.13
O2 SO4 D . -22.88 1.19 -14.69
O3 SO4 D . -20.47 1.19 -14.96
O4 SO4 D . -21.87 0.79 -16.82
S SO4 E . -11.07 -9.13 11.57
O1 SO4 E . -11.07 -9.00 10.13
O2 SO4 E . -10.58 -7.86 12.07
O3 SO4 E . -12.46 -9.22 12.03
O4 SO4 E . -10.25 -10.25 11.93
S SO4 F . -12.71 -2.03 9.71
O1 SO4 F . -13.54 -2.53 8.61
O2 SO4 F . -12.18 -0.71 9.32
O3 SO4 F . -13.43 -1.92 10.98
O4 SO4 F . -11.63 -2.97 9.95
S SO4 G . -16.34 -12.41 14.05
O1 SO4 G . -17.49 -11.97 13.25
O2 SO4 G . -15.16 -12.35 13.19
O3 SO4 G . -16.21 -11.60 15.27
O4 SO4 G . -16.58 -13.85 14.38
S SO4 H . -17.82 -6.32 15.52
O1 SO4 H . -18.46 -5.80 14.29
O2 SO4 H . -16.72 -5.43 15.81
O3 SO4 H . -18.77 -6.35 16.68
O4 SO4 H . -17.33 -7.69 15.26
#